data_4D40
#
_entry.id   4D40
#
_cell.length_a   48.910
_cell.length_b   96.460
_cell.length_c   110.330
_cell.angle_alpha   90.00
_cell.angle_beta   90.00
_cell.angle_gamma   90.00
#
_symmetry.space_group_name_H-M   'I 2 2 2'
#
loop_
_entity.id
_entity.type
_entity.pdbx_description
1 polymer 'PILD PROCESSED PROTEIN'
2 non-polymer 'SULFATE ION'
3 non-polymer 'SODIUM ION'
4 water water
#
_entity_poly.entity_id   1
_entity_poly.type   'polypeptide(L)'
_entity_poly.pdbx_seq_one_letter_code
;GKQGRRFDAQQYLVTSAQALERHYSRNGLYPASQSLANSPYYSFSYTPTADKFGFSLKAVPTNRQSDPCGTLSLDHKGVR
VPATNCWSH
;
_entity_poly.pdbx_strand_id   A,B
#
loop_
_chem_comp.id
_chem_comp.type
_chem_comp.name
_chem_comp.formula
NA non-polymer 'SODIUM ION' 'Na 1'
SO4 non-polymer 'SULFATE ION' 'O4 S -2'
#
# COMPACT_ATOMS: atom_id res chain seq x y z
N GLY A 1 3.91 22.74 -4.99
CA GLY A 1 5.22 23.23 -4.46
C GLY A 1 6.04 22.07 -3.96
N LYS A 2 7.16 22.35 -3.30
CA LYS A 2 8.06 21.29 -2.89
C LYS A 2 7.42 20.34 -1.88
N GLN A 3 6.52 20.85 -1.04
CA GLN A 3 5.82 19.98 -0.08
C GLN A 3 4.91 19.00 -0.82
N GLY A 4 4.17 19.50 -1.80
CA GLY A 4 3.30 18.65 -2.60
C GLY A 4 4.08 17.56 -3.32
N ARG A 5 5.25 17.91 -3.82
CA ARG A 5 6.08 16.95 -4.54
C ARG A 5 6.67 15.89 -3.61
N ARG A 6 6.94 16.26 -2.37
CA ARG A 6 7.36 15.31 -1.35
C ARG A 6 6.25 14.29 -1.13
N PHE A 7 5.02 14.78 -1.04
CA PHE A 7 3.89 13.90 -0.76
C PHE A 7 3.59 13.03 -1.98
N ASP A 8 3.78 13.59 -3.18
CA ASP A 8 3.67 12.80 -4.42
C ASP A 8 4.65 11.63 -4.40
N ALA A 9 5.89 11.91 -3.98
CA ALA A 9 6.91 10.87 -3.90
C ALA A 9 6.52 9.81 -2.88
N GLN A 10 5.98 10.25 -1.75
CA GLN A 10 5.52 9.34 -0.71
C GLN A 10 4.44 8.42 -1.25
N GLN A 11 3.50 9.00 -2.00
CA GLN A 11 2.40 8.21 -2.56
C GLN A 11 2.92 7.14 -3.51
N TYR A 12 4.00 7.47 -4.22
CA TYR A 12 4.56 6.54 -5.19
C TYR A 12 5.32 5.43 -4.50
N LEU A 13 6.00 5.76 -3.40
CA LEU A 13 6.66 4.75 -2.59
C LEU A 13 5.62 3.77 -2.06
N VAL A 14 4.46 4.30 -1.70
CA VAL A 14 3.40 3.46 -1.12
C VAL A 14 2.83 2.49 -2.15
N THR A 15 2.49 2.98 -3.34
CA THR A 15 1.92 2.08 -4.34
C THR A 15 2.99 1.09 -4.79
N SER A 16 4.26 1.51 -4.73
CA SER A 16 5.36 0.59 -5.04
C SER A 16 5.47 -0.52 -4.00
N ALA A 17 5.32 -0.15 -2.73
CA ALA A 17 5.36 -1.15 -1.65
C ALA A 17 4.21 -2.12 -1.77
N GLN A 18 3.07 -1.61 -2.23
CA GLN A 18 1.87 -2.45 -2.37
C GLN A 18 2.06 -3.49 -3.49
N ALA A 19 2.74 -3.09 -4.54
CA ALA A 19 3.05 -4.01 -5.62
C ALA A 19 4.05 -5.08 -5.15
N LEU A 20 5.01 -4.67 -4.33
CA LEU A 20 5.98 -5.61 -3.78
C LEU A 20 5.30 -6.66 -2.90
N GLU A 21 4.27 -6.27 -2.15
CA GLU A 21 3.56 -7.24 -1.30
C GLU A 21 2.77 -8.24 -2.14
N ARG A 22 2.30 -7.83 -3.31
CA ARG A 22 1.58 -8.75 -4.19
C ARG A 22 2.55 -9.80 -4.72
N HIS A 23 3.76 -9.37 -5.04
CA HIS A 23 4.79 -10.30 -5.47
C HIS A 23 5.14 -11.25 -4.33
N TYR A 24 5.32 -10.68 -3.14
CA TYR A 24 5.65 -11.45 -1.95
C TYR A 24 4.58 -12.50 -1.66
N SER A 25 3.32 -12.12 -1.85
CA SER A 25 2.21 -13.02 -1.53
C SER A 25 2.17 -14.24 -2.45
N ARG A 26 2.57 -14.06 -3.71
CA ARG A 26 2.59 -15.16 -4.67
C ARG A 26 3.82 -16.05 -4.51
N ASN A 27 4.95 -15.44 -4.15
CA ASN A 27 6.25 -16.11 -4.24
C ASN A 27 6.91 -16.42 -2.90
N GLY A 28 6.51 -15.71 -1.86
CA GLY A 28 7.07 -15.93 -0.53
C GLY A 28 8.35 -15.16 -0.29
N LEU A 29 8.74 -14.36 -1.28
CA LEU A 29 9.96 -13.57 -1.27
C LEU A 29 9.75 -12.27 -2.03
N TYR A 30 10.55 -11.26 -1.75
CA TYR A 30 10.52 -10.04 -2.56
C TYR A 30 11.34 -10.26 -3.83
N PRO A 31 11.06 -9.49 -4.89
CA PRO A 31 11.76 -9.66 -6.17
C PRO A 31 13.17 -9.11 -6.19
N ALA A 32 13.97 -9.59 -7.14
CA ALA A 32 15.35 -9.14 -7.30
C ALA A 32 15.42 -7.66 -7.69
N SER A 33 14.39 -7.19 -8.40
CA SER A 33 14.36 -5.81 -8.88
C SER A 33 12.94 -5.30 -9.04
N GLN A 34 12.81 -3.98 -9.18
CA GLN A 34 11.52 -3.34 -9.43
C GLN A 34 11.78 -2.12 -10.30
N SER A 35 11.03 -1.99 -11.38
CA SER A 35 11.15 -0.84 -12.26
CA SER A 35 11.15 -0.84 -12.26
C SER A 35 10.45 0.36 -11.65
N LEU A 36 11.18 1.45 -11.50
CA LEU A 36 10.65 2.66 -10.88
C LEU A 36 10.92 3.84 -11.80
N ALA A 37 10.00 4.79 -11.80
CA ALA A 37 10.09 5.97 -12.67
C ALA A 37 10.58 7.18 -11.91
N ASN A 38 11.72 7.73 -12.33
CA ASN A 38 12.23 8.96 -11.74
C ASN A 38 11.53 10.21 -12.29
N SER A 39 11.66 11.29 -11.54
CA SER A 39 11.14 12.60 -11.94
C SER A 39 12.26 13.61 -11.87
N PRO A 40 12.01 14.84 -12.30
CA PRO A 40 13.04 15.87 -12.14
C PRO A 40 13.36 16.17 -10.67
N TYR A 41 12.52 15.70 -9.76
CA TYR A 41 12.59 16.08 -8.35
C TYR A 41 13.05 14.96 -7.42
N TYR A 42 12.80 13.72 -7.80
CA TYR A 42 13.21 12.57 -7.00
C TYR A 42 13.73 11.43 -7.85
N SER A 43 14.74 10.74 -7.31
CA SER A 43 15.26 9.51 -7.87
C SER A 43 14.85 8.38 -6.96
N PHE A 44 14.17 7.38 -7.52
CA PHE A 44 13.64 6.27 -6.73
C PHE A 44 14.48 5.01 -6.88
N SER A 45 14.65 4.27 -5.78
CA SER A 45 15.40 3.03 -5.80
C SER A 45 14.72 1.96 -4.96
N TYR A 46 14.93 0.72 -5.38
CA TYR A 46 14.47 -0.46 -4.66
C TYR A 46 15.67 -1.34 -4.33
N THR A 47 15.87 -1.63 -3.05
CA THR A 47 16.98 -2.46 -2.58
C THR A 47 16.45 -3.62 -1.74
N PRO A 48 16.37 -4.82 -2.33
CA PRO A 48 16.00 -5.97 -1.52
C PRO A 48 17.13 -6.39 -0.60
N THR A 49 16.81 -7.09 0.48
CA THR A 49 17.83 -7.69 1.29
C THR A 49 18.40 -8.89 0.55
N ALA A 50 19.58 -9.34 0.96
CA ALA A 50 20.22 -10.48 0.33
C ALA A 50 19.33 -11.72 0.38
N ASP A 51 18.60 -11.91 1.47
CA ASP A 51 17.75 -13.10 1.60
C ASP A 51 16.33 -12.86 1.07
N LYS A 52 16.09 -11.66 0.55
CA LYS A 52 14.85 -11.32 -0.14
C LYS A 52 13.61 -11.34 0.78
N PHE A 53 13.83 -11.34 2.09
CA PHE A 53 12.73 -11.24 3.05
C PHE A 53 12.44 -9.80 3.49
N GLY A 54 13.29 -8.86 3.07
CA GLY A 54 13.10 -7.45 3.35
C GLY A 54 13.42 -6.58 2.15
N PHE A 55 13.14 -5.29 2.26
CA PHE A 55 13.55 -4.33 1.24
C PHE A 55 13.57 -2.91 1.79
N SER A 56 14.20 -2.02 1.02
CA SER A 56 14.13 -0.59 1.26
C SER A 56 13.80 0.11 -0.04
N LEU A 57 12.72 0.90 -0.02
CA LEU A 57 12.40 1.81 -1.11
C LEU A 57 12.84 3.20 -0.70
N LYS A 58 13.53 3.91 -1.59
CA LYS A 58 13.95 5.27 -1.27
C LYS A 58 13.57 6.25 -2.36
N ALA A 59 13.33 7.48 -1.93
CA ALA A 59 13.15 8.61 -2.82
C ALA A 59 14.16 9.68 -2.44
N VAL A 60 15.14 9.88 -3.31
CA VAL A 60 16.22 10.82 -3.05
C VAL A 60 15.98 12.11 -3.81
N PRO A 61 15.80 13.22 -3.09
CA PRO A 61 15.57 14.48 -3.82
C PRO A 61 16.76 14.90 -4.66
N THR A 62 16.48 15.50 -5.82
CA THR A 62 17.49 16.14 -6.65
C THR A 62 17.78 17.52 -6.09
N ASN A 63 18.78 18.18 -6.64
CA ASN A 63 19.09 19.55 -6.24
C ASN A 63 17.91 20.49 -6.52
N ARG A 64 17.05 20.10 -7.46
CA ARG A 64 15.88 20.88 -7.84
C ARG A 64 14.75 20.81 -6.82
N GLN A 65 14.91 19.97 -5.81
CA GLN A 65 13.87 19.73 -4.81
C GLN A 65 14.40 20.02 -3.42
N SER A 66 14.32 21.28 -3.02
CA SER A 66 14.97 21.75 -1.80
C SER A 66 14.05 21.57 -0.61
N ASP A 67 13.82 20.30 -0.27
CA ASP A 67 12.85 19.95 0.77
C ASP A 67 13.57 19.48 2.04
N PRO A 68 13.11 19.97 3.21
CA PRO A 68 13.82 19.69 4.47
C PRO A 68 13.73 18.24 4.98
N CYS A 69 12.91 17.40 4.35
CA CYS A 69 12.82 16.00 4.76
C CYS A 69 13.87 15.15 4.07
N GLY A 70 14.55 15.71 3.08
CA GLY A 70 15.62 15.02 2.40
C GLY A 70 15.17 13.71 1.79
N THR A 71 15.99 12.67 1.97
CA THR A 71 15.69 11.37 1.44
C THR A 71 14.59 10.68 2.24
N LEU A 72 13.60 10.16 1.52
CA LEU A 72 12.47 9.46 2.12
C LEU A 72 12.67 7.98 1.92
N SER A 73 12.36 7.17 2.92
CA SER A 73 12.41 5.73 2.70
C SER A 73 11.24 5.03 3.37
N LEU A 74 10.98 3.84 2.85
CA LEU A 74 9.87 2.98 3.28
C LEU A 74 10.34 1.54 3.16
N ASP A 75 10.25 0.76 4.24
CA ASP A 75 10.71 -0.63 4.19
C ASP A 75 9.56 -1.65 4.24
N HIS A 76 9.93 -2.91 4.28
CA HIS A 76 8.98 -4.02 4.22
C HIS A 76 8.10 -4.13 5.45
N LYS A 77 8.45 -3.39 6.51
CA LYS A 77 7.67 -3.38 7.74
C LYS A 77 6.76 -2.16 7.82
N GLY A 78 6.83 -1.30 6.81
CA GLY A 78 6.02 -0.11 6.77
C GLY A 78 6.68 1.07 7.47
N VAL A 79 7.92 0.91 7.89
CA VAL A 79 8.63 1.97 8.60
C VAL A 79 8.98 3.08 7.63
N ARG A 80 8.60 4.29 8.00
CA ARG A 80 8.79 5.46 7.15
C ARG A 80 9.81 6.40 7.76
N VAL A 81 10.74 6.86 6.93
CA VAL A 81 11.83 7.73 7.36
C VAL A 81 11.83 8.98 6.50
N PRO A 82 12.05 10.18 7.09
CA PRO A 82 12.20 10.48 8.52
C PRO A 82 10.99 10.09 9.35
N ALA A 83 11.23 9.60 10.57
CA ALA A 83 10.18 9.03 11.40
C ALA A 83 9.14 10.06 11.84
N THR A 84 9.57 11.32 11.97
CA THR A 84 8.69 12.38 12.43
C THR A 84 8.77 13.58 11.49
N ASN A 85 7.72 14.41 11.52
CA ASN A 85 7.69 15.69 10.82
C ASN A 85 7.56 15.67 9.29
N CYS A 86 7.52 14.49 8.66
CA CYS A 86 7.69 14.44 7.20
C CYS A 86 6.63 13.69 6.42
N TRP A 87 6.24 12.52 6.91
CA TRP A 87 5.32 11.64 6.20
C TRP A 87 3.86 11.94 6.49
N SER A 88 3.04 11.88 5.44
CA SER A 88 1.60 12.07 5.55
C SER A 88 0.85 10.96 4.82
N HIS A 89 1.56 9.89 4.50
CA HIS A 89 1.01 8.75 3.76
C HIS A 89 1.61 7.45 4.27
N GLY B 1 -6.07 14.83 4.97
CA GLY B 1 -6.97 14.73 6.16
C GLY B 1 -7.54 13.33 6.27
N LYS B 2 -8.39 13.11 7.27
CA LYS B 2 -8.94 11.78 7.52
C LYS B 2 -9.68 11.24 6.30
N GLN B 3 -10.44 12.11 5.65
CA GLN B 3 -11.26 11.70 4.52
C GLN B 3 -10.40 11.20 3.35
N GLY B 4 -9.40 11.98 2.97
CA GLY B 4 -8.49 11.59 1.91
C GLY B 4 -7.82 10.25 2.18
N ARG B 5 -7.44 10.04 3.44
CA ARG B 5 -6.75 8.81 3.81
C ARG B 5 -7.69 7.61 3.76
N ARG B 6 -8.96 7.85 4.05
CA ARG B 6 -9.98 6.82 3.92
C ARG B 6 -10.14 6.38 2.47
N PHE B 7 -10.15 7.35 1.57
CA PHE B 7 -10.26 7.06 0.15
C PHE B 7 -9.02 6.33 -0.36
N ASP B 8 -7.84 6.69 0.16
CA ASP B 8 -6.61 5.98 -0.19
C ASP B 8 -6.73 4.50 0.20
N ALA B 9 -7.28 4.25 1.38
CA ALA B 9 -7.47 2.89 1.85
C ALA B 9 -8.42 2.14 0.93
N GLN B 10 -9.51 2.81 0.53
CA GLN B 10 -10.47 2.18 -0.36
C GLN B 10 -9.85 1.89 -1.72
N GLN B 11 -9.00 2.79 -2.20
CA GLN B 11 -8.31 2.52 -3.47
C GLN B 11 -7.47 1.24 -3.40
N TYR B 12 -6.78 1.04 -2.28
CA TYR B 12 -5.93 -0.14 -2.09
C TYR B 12 -6.79 -1.40 -2.04
N LEU B 13 -7.93 -1.32 -1.36
CA LEU B 13 -8.82 -2.47 -1.30
C LEU B 13 -9.33 -2.85 -2.69
N VAL B 14 -9.75 -1.87 -3.47
CA VAL B 14 -10.28 -2.13 -4.79
C VAL B 14 -9.20 -2.70 -5.71
N THR B 15 -8.00 -2.14 -5.65
CA THR B 15 -6.91 -2.63 -6.47
C THR B 15 -6.57 -4.06 -6.07
N SER B 16 -6.57 -4.32 -4.78
CA SER B 16 -6.27 -5.65 -4.26
C SER B 16 -7.32 -6.65 -4.73
N ALA B 17 -8.58 -6.25 -4.67
CA ALA B 17 -9.68 -7.11 -5.09
C ALA B 17 -9.60 -7.46 -6.57
N GLN B 18 -9.22 -6.49 -7.39
CA GLN B 18 -9.05 -6.74 -8.82
C GLN B 18 -7.93 -7.74 -9.08
N ALA B 19 -6.85 -7.64 -8.32
CA ALA B 19 -5.73 -8.57 -8.50
C ALA B 19 -6.16 -9.98 -8.10
N LEU B 20 -6.89 -10.08 -6.99
CA LEU B 20 -7.40 -11.37 -6.52
C LEU B 20 -8.31 -12.00 -7.56
N GLU B 21 -9.08 -11.17 -8.25
CA GLU B 21 -9.96 -11.67 -9.31
C GLU B 21 -9.18 -12.25 -10.48
N ARG B 22 -8.07 -11.63 -10.86
CA ARG B 22 -7.24 -12.17 -11.93
C ARG B 22 -6.78 -13.57 -11.54
N HIS B 23 -6.49 -13.72 -10.25
CA HIS B 23 -6.07 -15.01 -9.70
C HIS B 23 -7.20 -16.05 -9.80
N TYR B 24 -8.41 -15.65 -9.43
CA TYR B 24 -9.54 -16.57 -9.36
C TYR B 24 -9.98 -17.07 -10.73
N SER B 25 -9.93 -16.21 -11.74
CA SER B 25 -10.30 -16.61 -13.10
C SER B 25 -9.28 -17.59 -13.66
N ARG B 26 -8.06 -17.55 -13.13
CA ARG B 26 -6.99 -18.43 -13.61
C ARG B 26 -6.99 -19.79 -12.92
N ASN B 27 -7.30 -19.80 -11.63
CA ASN B 27 -7.17 -21.01 -10.82
C ASN B 27 -8.49 -21.51 -10.23
N GLY B 28 -9.56 -20.73 -10.37
CA GLY B 28 -10.87 -21.13 -9.90
C GLY B 28 -11.00 -21.14 -8.39
N LEU B 29 -9.98 -20.61 -7.72
CA LEU B 29 -9.98 -20.45 -6.27
C LEU B 29 -9.23 -19.17 -5.93
N TYR B 30 -9.50 -18.62 -4.74
CA TYR B 30 -8.74 -17.49 -4.25
C TYR B 30 -7.55 -18.03 -3.45
N PRO B 31 -6.48 -17.22 -3.30
CA PRO B 31 -5.30 -17.74 -2.60
C PRO B 31 -5.52 -17.98 -1.11
N ALA B 32 -4.71 -18.85 -0.53
CA ALA B 32 -4.84 -19.19 0.88
C ALA B 32 -4.42 -18.02 1.76
N SER B 33 -3.66 -17.09 1.20
CA SER B 33 -3.11 -15.98 1.98
C SER B 33 -2.72 -14.80 1.09
N GLN B 34 -2.62 -13.63 1.71
CA GLN B 34 -2.14 -12.43 1.04
C GLN B 34 -1.67 -11.44 2.09
N SER B 35 -0.41 -11.00 1.97
CA SER B 35 0.09 -9.93 2.82
CA SER B 35 0.10 -9.94 2.82
C SER B 35 -0.23 -8.60 2.17
N LEU B 36 -0.70 -7.64 2.98
CA LEU B 36 -1.01 -6.30 2.51
C LEU B 36 -0.19 -5.29 3.31
N ALA B 37 0.25 -4.22 2.63
CA ALA B 37 1.13 -3.22 3.24
C ALA B 37 0.36 -2.27 4.14
N ASN B 38 0.73 -2.24 5.42
CA ASN B 38 0.06 -1.35 6.38
C ASN B 38 0.63 0.06 6.33
N SER B 39 -0.20 1.04 6.67
CA SER B 39 0.21 2.43 6.79
C SER B 39 0.03 2.87 8.25
N PRO B 40 0.49 4.09 8.57
CA PRO B 40 0.23 4.62 9.92
C PRO B 40 -1.25 4.86 10.20
N TYR B 41 -2.09 4.77 9.17
CA TYR B 41 -3.50 5.12 9.29
C TYR B 41 -4.45 3.93 9.24
N TYR B 42 -4.06 2.88 8.53
CA TYR B 42 -4.89 1.68 8.43
C TYR B 42 -4.04 0.42 8.43
N SER B 43 -4.57 -0.63 9.06
CA SER B 43 -4.02 -1.96 8.92
C SER B 43 -4.88 -2.74 7.95
N PHE B 44 -4.24 -3.33 6.95
CA PHE B 44 -4.93 -4.03 5.87
C PHE B 44 -4.78 -5.54 5.98
N SER B 45 -5.87 -6.28 5.82
CA SER B 45 -5.80 -7.74 5.90
C SER B 45 -6.66 -8.44 4.86
N TYR B 46 -6.22 -9.64 4.48
CA TYR B 46 -6.94 -10.53 3.58
C TYR B 46 -7.29 -11.79 4.35
N THR B 47 -8.55 -12.19 4.25
CA THR B 47 -9.04 -13.42 4.86
C THR B 47 -9.86 -14.17 3.84
N PRO B 48 -9.39 -15.36 3.43
CA PRO B 48 -10.22 -16.11 2.50
C PRO B 48 -11.40 -16.74 3.24
N THR B 49 -12.52 -16.95 2.56
CA THR B 49 -13.65 -17.63 3.18
C THR B 49 -13.25 -19.08 3.45
N ALA B 50 -14.02 -19.75 4.28
CA ALA B 50 -13.75 -21.13 4.66
C ALA B 50 -13.53 -22.03 3.43
N ASP B 51 -14.42 -21.91 2.45
CA ASP B 51 -14.35 -22.73 1.25
C ASP B 51 -13.45 -22.13 0.16
N LYS B 52 -12.85 -20.97 0.46
CA LYS B 52 -11.93 -20.28 -0.46
C LYS B 52 -12.56 -19.91 -1.82
N PHE B 53 -13.88 -19.94 -1.88
CA PHE B 53 -14.59 -19.43 -3.05
C PHE B 53 -14.91 -17.95 -2.87
N GLY B 54 -14.41 -17.37 -1.79
CA GLY B 54 -14.60 -15.95 -1.53
C GLY B 54 -13.47 -15.37 -0.69
N PHE B 55 -13.55 -14.08 -0.40
CA PHE B 55 -12.56 -13.43 0.44
C PHE B 55 -13.10 -12.16 1.09
N SER B 56 -12.41 -11.72 2.14
CA SER B 56 -12.71 -10.47 2.80
C SER B 56 -11.45 -9.64 2.99
N LEU B 57 -11.47 -8.44 2.41
CA LEU B 57 -10.43 -7.44 2.62
C LEU B 57 -10.89 -6.43 3.64
N LYS B 58 -10.04 -6.11 4.62
CA LYS B 58 -10.39 -5.14 5.65
C LYS B 58 -9.33 -4.08 5.80
N ALA B 59 -9.77 -2.85 6.05
CA ALA B 59 -8.88 -1.76 6.41
C ALA B 59 -9.34 -1.21 7.75
N VAL B 60 -8.55 -1.48 8.78
CA VAL B 60 -8.92 -1.10 10.14
C VAL B 60 -8.15 0.15 10.54
N PRO B 61 -8.86 1.25 10.85
CA PRO B 61 -8.09 2.46 11.17
C PRO B 61 -7.34 2.40 12.49
N THR B 62 -6.19 3.06 12.51
CA THR B 62 -5.39 3.23 13.72
C THR B 62 -5.88 4.41 14.55
N ASN B 63 -5.23 4.68 15.67
CA ASN B 63 -5.56 5.84 16.50
C ASN B 63 -5.15 7.16 15.86
N ARG B 64 -4.41 7.10 14.75
CA ARG B 64 -4.03 8.30 14.02
C ARG B 64 -5.08 8.64 12.98
N GLN B 65 -6.10 7.80 12.88
CA GLN B 65 -7.12 7.92 11.85
C GLN B 65 -8.48 7.76 12.51
N SER B 66 -8.89 8.79 13.24
CA SER B 66 -10.16 8.79 13.94
C SER B 66 -11.27 9.18 12.98
N ASP B 67 -11.64 8.23 12.13
CA ASP B 67 -12.59 8.47 11.07
C ASP B 67 -13.90 7.78 11.40
N PRO B 68 -15.04 8.49 11.20
CA PRO B 68 -16.32 7.90 11.62
C PRO B 68 -16.76 6.66 10.83
N CYS B 69 -16.26 6.47 9.62
CA CYS B 69 -16.62 5.27 8.85
C CYS B 69 -15.95 4.02 9.41
N GLY B 70 -14.98 4.21 10.29
CA GLY B 70 -14.34 3.10 10.98
C GLY B 70 -13.72 2.07 10.06
N THR B 71 -13.89 0.79 10.42
CA THR B 71 -13.31 -0.29 9.61
C THR B 71 -14.06 -0.43 8.30
N LEU B 72 -13.27 -0.47 7.22
CA LEU B 72 -13.76 -0.61 5.85
C LEU B 72 -13.58 -2.05 5.40
N SER B 73 -14.54 -2.57 4.64
CA SER B 73 -14.37 -3.90 4.06
C SER B 73 -14.91 -4.02 2.65
N LEU B 74 -14.32 -4.94 1.91
CA LEU B 74 -14.67 -5.23 0.54
C LEU B 74 -14.49 -6.73 0.33
N ASP B 75 -15.47 -7.39 -0.27
CA ASP B 75 -15.37 -8.82 -0.54
C ASP B 75 -15.42 -9.14 -2.03
N HIS B 76 -15.42 -10.42 -2.34
CA HIS B 76 -15.43 -10.93 -3.71
C HIS B 76 -16.75 -10.66 -4.44
N LYS B 77 -17.77 -10.23 -3.69
CA LYS B 77 -19.07 -9.92 -4.25
C LYS B 77 -19.22 -8.42 -4.51
N GLY B 78 -18.18 -7.66 -4.18
CA GLY B 78 -18.16 -6.23 -4.38
C GLY B 78 -18.93 -5.48 -3.30
N VAL B 79 -19.28 -6.18 -2.22
CA VAL B 79 -20.04 -5.59 -1.14
C VAL B 79 -19.10 -4.73 -0.29
N ARG B 80 -19.48 -3.46 -0.15
CA ARG B 80 -18.68 -2.46 0.54
C ARG B 80 -19.33 -2.07 1.87
N VAL B 81 -18.53 -2.09 2.94
CA VAL B 81 -18.99 -1.71 4.27
C VAL B 81 -18.10 -0.60 4.80
N PRO B 82 -18.68 0.46 5.40
CA PRO B 82 -20.11 0.73 5.57
C PRO B 82 -20.80 1.04 4.24
N ALA B 83 -22.09 0.70 4.14
CA ALA B 83 -22.81 0.80 2.88
C ALA B 83 -23.19 2.22 2.48
N THR B 84 -23.35 3.12 3.46
CA THR B 84 -23.76 4.49 3.16
C THR B 84 -22.75 5.57 3.56
N ASN B 85 -22.58 6.54 2.67
CA ASN B 85 -21.87 7.78 2.96
C ASN B 85 -20.39 7.63 3.30
N CYS B 86 -19.79 6.49 2.93
CA CYS B 86 -18.40 6.22 3.28
C CYS B 86 -17.50 5.88 2.09
N TRP B 87 -18.05 5.21 1.08
CA TRP B 87 -17.25 4.74 -0.05
C TRP B 87 -17.39 5.64 -1.27
N SER B 88 -16.24 5.98 -1.87
CA SER B 88 -16.19 6.74 -3.11
C SER B 88 -15.33 6.04 -4.16
N HIS B 89 -14.93 4.81 -3.87
CA HIS B 89 -14.28 3.94 -4.84
C HIS B 89 -15.08 2.66 -4.99
S SO4 C . -9.55 15.91 3.07
O1 SO4 C . -8.70 14.88 3.67
O2 SO4 C . -10.34 16.56 4.12
O3 SO4 C . -8.73 16.90 2.41
O4 SO4 C . -10.45 15.29 2.11
NA NA D . -1.25 -6.05 6.64
#